data_6BVV
#
_entry.id   6BVV
#
_cell.length_a   47.701
_cell.length_b   65.610
_cell.length_c   73.939
_cell.angle_alpha   90.00
_cell.angle_beta   99.79
_cell.angle_gamma   90.00
#
_symmetry.space_group_name_H-M   'P 1 21 1'
#
loop_
_entity.id
_entity.type
_entity.pdbx_description
1 polymer 'Importin subunit alpha-3'
2 polymer 'Protein W'
3 water water
#
loop_
_entity_poly.entity_id
_entity_poly.type
_entity_poly.pdbx_seq_one_letter_code
_entity_poly.pdbx_strand_id
1 'polypeptide(L)'
;SGDYRVQNTSLEAIVQNASSDNQGIQLSAVQAARKLLSSDRNPPIDDLIKSGILPILVHCLERDDNPSLQFEAAWALTNI
ASGTSEQTQAVVQSNAVPLFLRLLHSPHQNVCEQAVWALGNIIGDGPQCRDYVISLGVVKPLLSFISPSIPITFLRNVTW
VMVNLCRHKDPPPPMETIQEILPALCVLIHHTDVNILVDTVWALSYLTDAGNEQIQMVIDSGIVPHLVPLLSHQEVKVQT
AALRAVGNIVTGTDEQTQVVLNCDALSHFPALLTHPKEKINKEAVWFLSNITAGNQQQVQAVIDANLVPMIIHLLDKGDF
GTQKEAAWAISNLTISGRKDQVAYLIQQNVIPPFCNLLTVKDAQVVQVVLDGLSNILKMAEDEAETIGNLIEECGGLEKI
EQLQNHENEDIYKLAYEIIDQFFSSDDIDEDPSLVPEAIQGGTFGFNSSANVPTEGFQF
;
A
2 'polypeptide(L)' SRNIHLLGRKTCLGRRVVQPGMFEDHPPTKKARVSMRRMSN B
#
# COMPACT_ATOMS: atom_id res chain seq x y z
N SER A 10 10.08 -36.12 22.72
CA SER A 10 10.47 -34.85 23.31
C SER A 10 11.44 -34.09 22.41
N LEU A 11 11.65 -32.81 22.72
CA LEU A 11 12.56 -31.99 21.92
C LEU A 11 14.01 -32.44 22.07
N GLU A 12 14.44 -32.76 23.30
CA GLU A 12 15.76 -33.35 23.50
C GLU A 12 15.96 -34.55 22.57
N ALA A 13 14.96 -35.44 22.53
CA ALA A 13 15.04 -36.62 21.69
C ALA A 13 15.20 -36.24 20.22
N ILE A 14 14.36 -35.32 19.75
CA ILE A 14 14.39 -34.90 18.35
C ILE A 14 15.76 -34.32 18.00
N VAL A 15 16.30 -33.46 18.88
CA VAL A 15 17.61 -32.87 18.62
C VAL A 15 18.68 -33.94 18.58
N GLN A 16 18.62 -34.88 19.51
CA GLN A 16 19.63 -35.94 19.52
C GLN A 16 19.57 -36.76 18.24
N ASN A 17 18.36 -37.11 17.79
CA ASN A 17 18.22 -37.90 16.58
C ASN A 17 18.59 -37.09 15.34
N ALA A 18 18.37 -35.78 15.36
CA ALA A 18 18.64 -34.95 14.19
C ALA A 18 20.14 -34.76 13.96
N SER A 19 20.94 -34.83 15.02
CA SER A 19 22.37 -34.55 14.91
C SER A 19 23.19 -35.79 14.56
N SER A 20 22.54 -36.96 14.42
CA SER A 20 23.23 -38.14 13.97
C SER A 20 23.89 -37.90 12.62
N ASP A 21 24.83 -38.78 12.29
CA ASP A 21 25.43 -38.80 10.97
C ASP A 21 24.64 -39.64 9.98
N ASN A 22 23.65 -40.38 10.45
CA ASN A 22 22.82 -41.22 9.59
C ASN A 22 21.58 -40.43 9.13
N GLN A 23 21.35 -40.41 7.80
CA GLN A 23 20.31 -39.54 7.26
C GLN A 23 18.90 -40.07 7.52
N GLY A 24 18.74 -41.36 7.83
CA GLY A 24 17.41 -41.86 8.15
C GLY A 24 16.93 -41.41 9.52
N ILE A 25 17.80 -41.54 10.52
CA ILE A 25 17.48 -41.04 11.86
C ILE A 25 17.20 -39.55 11.83
N GLN A 26 18.07 -38.80 11.15
CA GLN A 26 17.84 -37.40 10.88
C GLN A 26 16.42 -37.20 10.34
N LEU A 27 16.16 -37.72 9.13
CA LEU A 27 14.87 -37.56 8.48
C LEU A 27 13.72 -37.77 9.46
N SER A 28 13.79 -38.86 10.25
CA SER A 28 12.73 -39.12 11.21
C SER A 28 12.54 -37.93 12.16
N ALA A 29 13.63 -37.48 12.78
CA ALA A 29 13.55 -36.41 13.78
C ALA A 29 13.09 -35.09 13.17
N VAL A 30 13.63 -34.75 12.00
CA VAL A 30 13.29 -33.47 11.39
C VAL A 30 11.83 -33.45 10.97
N GLN A 31 11.29 -34.58 10.49
CA GLN A 31 9.87 -34.64 10.19
C GLN A 31 9.06 -34.45 11.46
N ALA A 32 9.52 -35.02 12.58
CA ALA A 32 8.82 -34.79 13.84
C ALA A 32 8.78 -33.31 14.21
N ALA A 33 9.91 -32.62 14.05
CA ALA A 33 9.95 -31.18 14.36
C ALA A 33 9.03 -30.40 13.43
N ARG A 34 9.09 -30.70 12.13
CA ARG A 34 8.20 -30.08 11.17
C ARG A 34 6.74 -30.25 11.58
N LYS A 35 6.36 -31.47 11.96
CA LYS A 35 4.98 -31.71 12.38
C LYS A 35 4.62 -30.83 13.58
N LEU A 36 5.50 -30.79 14.59
CA LEU A 36 5.25 -29.89 15.71
C LEU A 36 4.99 -28.47 15.23
N LEU A 37 5.72 -28.04 14.20
CA LEU A 37 5.66 -26.66 13.75
C LEU A 37 4.53 -26.38 12.76
N SER A 38 3.86 -27.41 12.22
CA SER A 38 2.89 -27.20 11.15
C SER A 38 1.51 -27.75 11.45
N SER A 39 1.22 -28.17 12.69
CA SER A 39 -0.04 -28.84 13.01
C SER A 39 -1.12 -27.90 13.52
N ASP A 40 -0.78 -26.65 13.83
CA ASP A 40 -1.78 -25.70 14.31
C ASP A 40 -1.26 -24.29 14.06
N ARG A 41 -1.98 -23.30 14.56
CA ARG A 41 -1.65 -21.90 14.34
C ARG A 41 -0.89 -21.27 15.50
N ASN A 42 -0.56 -22.04 16.55
CA ASN A 42 0.30 -21.58 17.63
C ASN A 42 1.42 -22.60 17.82
N PRO A 43 2.40 -22.61 16.92
CA PRO A 43 3.48 -23.59 17.01
C PRO A 43 4.47 -23.23 18.09
N PRO A 44 5.16 -24.21 18.68
CA PRO A 44 6.14 -23.93 19.76
C PRO A 44 7.50 -23.53 19.19
N ILE A 45 7.55 -22.33 18.61
CA ILE A 45 8.76 -21.88 17.94
C ILE A 45 9.88 -21.64 18.94
N ASP A 46 9.61 -20.87 20.00
CA ASP A 46 10.64 -20.56 20.98
C ASP A 46 11.25 -21.82 21.57
N ASP A 47 10.42 -22.81 21.90
CA ASP A 47 10.94 -24.03 22.50
C ASP A 47 11.85 -24.79 21.54
N LEU A 48 11.55 -24.76 20.24
CA LEU A 48 12.41 -25.43 19.29
C LEU A 48 13.70 -24.66 19.03
N ILE A 49 13.65 -23.33 19.10
CA ILE A 49 14.88 -22.55 19.01
C ILE A 49 15.77 -22.83 20.22
N LYS A 50 15.19 -22.81 21.42
CA LYS A 50 15.96 -22.99 22.64
C LYS A 50 16.47 -24.40 22.80
N SER A 51 16.04 -25.33 21.94
CA SER A 51 16.54 -26.69 21.94
C SER A 51 17.85 -26.84 21.17
N GLY A 52 18.22 -25.86 20.35
CA GLY A 52 19.44 -25.90 19.59
C GLY A 52 19.32 -26.48 18.19
N ILE A 53 18.10 -26.73 17.72
CA ILE A 53 17.91 -27.48 16.49
C ILE A 53 18.32 -26.70 15.24
N LEU A 54 18.34 -25.36 15.32
CA LEU A 54 18.48 -24.55 14.11
C LEU A 54 19.73 -24.86 13.30
N PRO A 55 20.93 -24.89 13.87
CA PRO A 55 22.11 -25.22 13.05
C PRO A 55 22.05 -26.62 12.47
N ILE A 56 21.36 -27.53 13.15
CA ILE A 56 21.15 -28.87 12.62
C ILE A 56 20.28 -28.81 11.37
N LEU A 57 19.15 -28.09 11.44
CA LEU A 57 18.29 -27.96 10.27
C LEU A 57 19.02 -27.30 9.11
N VAL A 58 19.83 -26.28 9.41
CA VAL A 58 20.56 -25.61 8.35
C VAL A 58 21.56 -26.55 7.71
N HIS A 59 22.18 -27.44 8.52
CA HIS A 59 23.07 -28.44 7.95
C HIS A 59 22.32 -29.44 7.09
N CYS A 60 21.14 -29.88 7.55
CA CYS A 60 20.29 -30.74 6.73
C CYS A 60 20.08 -30.15 5.35
N LEU A 61 19.91 -28.84 5.27
CA LEU A 61 19.68 -28.20 3.98
C LEU A 61 20.79 -28.52 2.97
N GLU A 62 21.98 -28.90 3.42
CA GLU A 62 23.08 -29.19 2.51
C GLU A 62 23.00 -30.56 1.86
N ARG A 63 22.14 -31.45 2.33
CA ARG A 63 22.18 -32.87 2.00
C ARG A 63 21.46 -33.13 0.69
N ASP A 64 22.12 -32.83 -0.42
CA ASP A 64 21.50 -33.05 -1.72
C ASP A 64 21.21 -34.52 -1.97
N ASP A 65 21.82 -35.41 -1.20
CA ASP A 65 21.61 -36.84 -1.37
C ASP A 65 20.27 -37.29 -0.81
N ASN A 66 19.71 -36.58 0.17
CA ASN A 66 18.39 -36.87 0.72
C ASN A 66 17.47 -35.67 0.49
N PRO A 67 16.82 -35.59 -0.66
CA PRO A 67 15.89 -34.47 -0.88
C PRO A 67 14.77 -34.39 0.13
N SER A 68 14.24 -35.53 0.59
CA SER A 68 13.18 -35.48 1.57
C SER A 68 13.64 -34.76 2.85
N LEU A 69 14.90 -34.96 3.22
CA LEU A 69 15.44 -34.31 4.42
C LEU A 69 15.57 -32.81 4.22
N GLN A 70 16.11 -32.39 3.08
CA GLN A 70 16.15 -30.98 2.72
C GLN A 70 14.76 -30.35 2.81
N PHE A 71 13.75 -31.05 2.30
CA PHE A 71 12.38 -30.53 2.26
C PHE A 71 11.82 -30.37 3.65
N GLU A 72 11.98 -31.38 4.50
CA GLU A 72 11.45 -31.31 5.86
C GLU A 72 12.15 -30.21 6.67
N ALA A 73 13.47 -30.09 6.52
CA ALA A 73 14.19 -29.04 7.22
C ALA A 73 13.77 -27.66 6.72
N ALA A 74 13.56 -27.52 5.41
CA ALA A 74 13.16 -26.23 4.87
C ALA A 74 11.76 -25.85 5.34
N TRP A 75 10.84 -26.82 5.40
CA TRP A 75 9.52 -26.55 5.96
C TRP A 75 9.61 -26.11 7.43
N ALA A 76 10.40 -26.84 8.23
CA ALA A 76 10.56 -26.48 9.63
C ALA A 76 11.10 -25.07 9.79
N LEU A 77 12.12 -24.73 8.99
CA LEU A 77 12.73 -23.41 9.07
C LEU A 77 11.80 -22.33 8.56
N THR A 78 11.04 -22.62 7.50
CA THR A 78 10.01 -21.70 7.03
C THR A 78 9.10 -21.30 8.18
N ASN A 79 8.58 -22.28 8.90
CA ASN A 79 7.60 -21.93 9.93
C ASN A 79 8.24 -21.22 11.12
N ILE A 80 9.47 -21.61 11.49
CA ILE A 80 10.19 -20.83 12.51
C ILE A 80 10.34 -19.38 12.05
N ALA A 81 10.69 -19.17 10.79
CA ALA A 81 10.88 -17.82 10.26
C ALA A 81 9.55 -17.09 10.02
N SER A 82 8.41 -17.75 10.22
CA SER A 82 7.12 -17.10 10.09
C SER A 82 6.73 -16.34 11.35
N GLY A 83 7.47 -16.50 12.44
CA GLY A 83 7.11 -15.85 13.68
C GLY A 83 7.59 -14.41 13.79
N THR A 84 8.07 -14.03 14.97
CA THR A 84 8.50 -12.67 15.24
C THR A 84 9.85 -12.42 14.61
N SER A 85 10.28 -11.16 14.66
CA SER A 85 11.61 -10.81 14.16
C SER A 85 12.70 -11.56 14.91
N GLU A 86 12.52 -11.79 16.22
CA GLU A 86 13.53 -12.55 16.95
C GLU A 86 13.71 -13.94 16.36
N GLN A 87 12.61 -14.56 15.94
CA GLN A 87 12.65 -15.95 15.49
C GLN A 87 13.16 -16.04 14.04
N THR A 88 12.66 -15.17 13.17
CA THR A 88 13.25 -15.03 11.84
C THR A 88 14.75 -14.80 11.95
N GLN A 89 15.17 -13.91 12.85
CA GLN A 89 16.58 -13.55 12.97
C GLN A 89 17.41 -14.71 13.47
N ALA A 90 16.88 -15.53 14.38
CA ALA A 90 17.59 -16.75 14.72
C ALA A 90 17.86 -17.60 13.48
N VAL A 91 16.84 -17.72 12.61
CA VAL A 91 17.06 -18.47 11.38
C VAL A 91 18.16 -17.82 10.54
N VAL A 92 18.13 -16.50 10.43
CA VAL A 92 19.11 -15.79 9.61
C VAL A 92 20.53 -15.96 10.18
N GLN A 93 20.66 -15.91 11.50
CA GLN A 93 21.98 -16.02 12.13
C GLN A 93 22.52 -17.44 12.07
N SER A 94 21.68 -18.44 11.82
CA SER A 94 22.21 -19.79 11.62
C SER A 94 22.82 -20.00 10.22
N ASN A 95 22.84 -18.99 9.37
CA ASN A 95 23.38 -19.06 8.01
C ASN A 95 22.45 -19.75 7.02
N ALA A 96 21.14 -19.66 7.24
CA ALA A 96 20.20 -20.38 6.39
C ALA A 96 20.10 -19.79 4.99
N VAL A 97 20.30 -18.46 4.86
CA VAL A 97 19.98 -17.78 3.60
C VAL A 97 20.78 -18.34 2.43
N PRO A 98 22.11 -18.42 2.49
CA PRO A 98 22.86 -18.96 1.35
C PRO A 98 22.43 -20.37 0.95
N LEU A 99 22.06 -21.19 1.92
CA LEU A 99 21.63 -22.55 1.61
C LEU A 99 20.26 -22.57 0.96
N PHE A 100 19.35 -21.69 1.40
CA PHE A 100 18.07 -21.59 0.70
C PHE A 100 18.27 -21.14 -0.74
N LEU A 101 19.21 -20.21 -0.94
CA LEU A 101 19.51 -19.78 -2.31
C LEU A 101 20.10 -20.92 -3.14
N ARG A 102 20.93 -21.77 -2.52
CA ARG A 102 21.36 -23.00 -3.18
C ARG A 102 20.16 -23.83 -3.61
N LEU A 103 19.24 -24.07 -2.69
CA LEU A 103 18.09 -24.95 -2.97
C LEU A 103 17.13 -24.37 -3.98
N LEU A 104 17.23 -23.08 -4.30
CA LEU A 104 16.46 -22.58 -5.44
C LEU A 104 16.80 -23.29 -6.73
N HIS A 105 17.92 -23.99 -6.80
CA HIS A 105 18.31 -24.73 -8.00
C HIS A 105 18.15 -26.24 -7.85
N SER A 106 17.49 -26.69 -6.79
CA SER A 106 17.29 -28.12 -6.61
C SER A 106 16.45 -28.68 -7.75
N PRO A 107 16.72 -29.92 -8.17
CA PRO A 107 15.86 -30.56 -9.17
C PRO A 107 14.52 -30.99 -8.63
N HIS A 108 14.34 -30.93 -7.31
CA HIS A 108 13.14 -31.41 -6.66
C HIS A 108 12.20 -30.23 -6.39
N GLN A 109 10.99 -30.31 -6.96
CA GLN A 109 10.08 -29.17 -6.96
C GLN A 109 9.69 -28.76 -5.55
N ASN A 110 9.44 -29.72 -4.67
CA ASN A 110 8.95 -29.37 -3.33
C ASN A 110 10.05 -28.66 -2.53
N VAL A 111 11.29 -29.10 -2.67
CA VAL A 111 12.42 -28.43 -2.03
C VAL A 111 12.56 -27.00 -2.55
N CYS A 112 12.46 -26.84 -3.87
CA CYS A 112 12.58 -25.51 -4.46
C CYS A 112 11.50 -24.57 -3.92
N GLU A 113 10.23 -24.98 -4.02
CA GLU A 113 9.15 -24.14 -3.56
C GLU A 113 9.29 -23.81 -2.07
N GLN A 114 9.66 -24.80 -1.26
CA GLN A 114 9.79 -24.53 0.17
C GLN A 114 10.91 -23.54 0.44
N ALA A 115 11.98 -23.60 -0.35
CA ALA A 115 13.05 -22.62 -0.20
C ALA A 115 12.57 -21.22 -0.55
N VAL A 116 11.81 -21.09 -1.63
CA VAL A 116 11.18 -19.82 -1.99
C VAL A 116 10.36 -19.29 -0.82
N TRP A 117 9.56 -20.16 -0.22
CA TRP A 117 8.70 -19.76 0.90
C TRP A 117 9.52 -19.22 2.08
N ALA A 118 10.56 -19.97 2.48
CA ALA A 118 11.37 -19.56 3.63
C ALA A 118 12.03 -18.20 3.38
N LEU A 119 12.61 -18.04 2.18
CA LEU A 119 13.19 -16.76 1.83
C LEU A 119 12.14 -15.65 1.83
N GLY A 120 10.90 -15.97 1.45
CA GLY A 120 9.84 -14.96 1.55
C GLY A 120 9.71 -14.43 2.96
N ASN A 121 9.67 -15.33 3.94
CA ASN A 121 9.52 -14.89 5.32
C ASN A 121 10.72 -14.06 5.79
N ILE A 122 11.92 -14.46 5.36
CA ILE A 122 13.12 -13.72 5.75
C ILE A 122 13.14 -12.32 5.12
N ILE A 123 12.90 -12.26 3.81
CA ILE A 123 12.84 -10.97 3.13
C ILE A 123 11.77 -10.09 3.75
N GLY A 124 10.66 -10.70 4.18
CA GLY A 124 9.59 -9.92 4.78
C GLY A 124 9.95 -9.34 6.11
N ASP A 125 10.92 -9.91 6.82
CA ASP A 125 11.23 -9.36 8.14
C ASP A 125 11.62 -7.89 8.09
N GLY A 126 12.40 -7.48 7.07
CA GLY A 126 12.83 -6.09 7.00
C GLY A 126 13.73 -5.74 5.83
N PRO A 127 13.99 -4.43 5.69
CA PRO A 127 14.73 -3.96 4.51
C PRO A 127 16.18 -4.43 4.44
N GLN A 128 16.87 -4.59 5.57
CA GLN A 128 18.26 -5.06 5.50
C GLN A 128 18.32 -6.55 5.21
N CYS A 129 17.39 -7.34 5.74
CA CYS A 129 17.29 -8.73 5.33
C CYS A 129 16.92 -8.83 3.85
N ARG A 130 15.96 -8.02 3.41
CA ARG A 130 15.63 -7.95 1.99
C ARG A 130 16.88 -7.70 1.15
N ASP A 131 17.70 -6.73 1.56
CA ASP A 131 18.85 -6.32 0.77
C ASP A 131 19.99 -7.33 0.85
N TYR A 132 20.14 -8.01 1.98
CA TYR A 132 21.11 -9.10 2.07
C TYR A 132 20.74 -10.22 1.09
N VAL A 133 19.49 -10.66 1.11
CA VAL A 133 19.05 -11.70 0.19
C VAL A 133 19.17 -11.23 -1.26
N ILE A 134 18.81 -9.99 -1.55
CA ILE A 134 18.99 -9.43 -2.88
C ILE A 134 20.47 -9.51 -3.29
N SER A 135 21.35 -8.99 -2.43
CA SER A 135 22.77 -8.90 -2.75
C SER A 135 23.38 -10.26 -3.04
N LEU A 136 22.80 -11.33 -2.52
CA LEU A 136 23.25 -12.68 -2.83
C LEU A 136 22.62 -13.24 -4.11
N GLY A 137 21.79 -12.46 -4.81
CA GLY A 137 21.30 -12.84 -6.12
C GLY A 137 20.02 -13.65 -6.20
N VAL A 138 19.02 -13.30 -5.38
CA VAL A 138 17.78 -14.08 -5.34
C VAL A 138 16.86 -13.76 -6.53
N VAL A 139 16.94 -12.56 -7.09
CA VAL A 139 15.87 -12.09 -7.97
C VAL A 139 15.90 -12.84 -9.30
N LYS A 140 17.07 -13.02 -9.89
CA LYS A 140 17.12 -13.67 -11.20
C LYS A 140 16.62 -15.11 -11.14
N PRO A 141 17.09 -15.96 -10.23
CA PRO A 141 16.51 -17.31 -10.13
C PRO A 141 15.05 -17.29 -9.73
N LEU A 142 14.61 -16.33 -8.89
CA LEU A 142 13.20 -16.29 -8.52
C LEU A 142 12.33 -15.98 -9.72
N LEU A 143 12.73 -15.01 -10.54
CA LEU A 143 11.94 -14.68 -11.72
C LEU A 143 12.09 -15.72 -12.82
N SER A 144 13.13 -16.54 -12.78
CA SER A 144 13.26 -17.63 -13.75
C SER A 144 12.22 -18.72 -13.56
N PHE A 145 11.53 -18.76 -12.41
CA PHE A 145 10.44 -19.72 -12.22
C PHE A 145 9.17 -19.32 -12.98
N ILE A 146 8.97 -18.04 -13.24
CA ILE A 146 7.75 -17.60 -13.93
C ILE A 146 7.79 -18.15 -15.35
N SER A 147 6.89 -19.08 -15.65
CA SER A 147 6.81 -19.67 -16.98
C SER A 147 5.39 -20.14 -17.19
N PRO A 148 5.04 -20.50 -18.43
CA PRO A 148 3.67 -20.99 -18.67
C PRO A 148 3.35 -22.27 -17.93
N SER A 149 4.36 -23.10 -17.66
CA SER A 149 4.18 -24.42 -17.06
C SER A 149 4.17 -24.40 -15.54
N ILE A 150 4.58 -23.31 -14.90
CA ILE A 150 4.71 -23.30 -13.44
C ILE A 150 3.36 -23.60 -12.79
N PRO A 151 3.30 -24.48 -11.79
CA PRO A 151 2.03 -24.67 -11.08
C PRO A 151 1.56 -23.37 -10.43
N ILE A 152 0.25 -23.21 -10.34
CA ILE A 152 -0.30 -21.91 -9.95
C ILE A 152 -0.02 -21.62 -8.49
N THR A 153 -0.01 -22.65 -7.63
CA THR A 153 0.30 -22.41 -6.22
C THR A 153 1.73 -21.94 -6.05
N PHE A 154 2.66 -22.54 -6.79
CA PHE A 154 4.03 -22.06 -6.76
C PHE A 154 4.12 -20.63 -7.27
N LEU A 155 3.42 -20.32 -8.37
CA LEU A 155 3.50 -18.97 -8.92
C LEU A 155 2.97 -17.94 -7.92
N ARG A 156 1.90 -18.29 -7.20
CA ARG A 156 1.37 -17.40 -6.17
C ARG A 156 2.40 -17.16 -5.07
N ASN A 157 3.13 -18.20 -4.67
CA ASN A 157 4.17 -17.97 -3.67
C ASN A 157 5.30 -17.09 -4.23
N VAL A 158 5.65 -17.27 -5.50
CA VAL A 158 6.67 -16.43 -6.12
C VAL A 158 6.25 -14.96 -6.11
N THR A 159 4.99 -14.67 -6.46
CA THR A 159 4.59 -13.27 -6.54
C THR A 159 4.37 -12.67 -5.15
N TRP A 160 4.02 -13.49 -4.15
CA TRP A 160 4.07 -13.00 -2.78
C TRP A 160 5.49 -12.59 -2.38
N VAL A 161 6.48 -13.43 -2.70
CA VAL A 161 7.86 -13.06 -2.40
C VAL A 161 8.22 -11.76 -3.10
N MET A 162 7.70 -11.56 -4.32
CA MET A 162 7.95 -10.31 -5.02
C MET A 162 7.35 -9.12 -4.27
N VAL A 163 6.14 -9.30 -3.72
CA VAL A 163 5.59 -8.25 -2.87
C VAL A 163 6.60 -7.89 -1.80
N ASN A 164 7.19 -8.91 -1.16
CA ASN A 164 8.11 -8.64 -0.07
C ASN A 164 9.40 -7.98 -0.55
N LEU A 165 9.85 -8.30 -1.77
CA LEU A 165 11.04 -7.63 -2.29
C LEU A 165 10.78 -6.16 -2.60
N CYS A 166 9.53 -5.79 -2.91
CA CYS A 166 9.22 -4.40 -3.21
C CYS A 166 8.92 -3.54 -1.98
N ARG A 167 8.58 -4.13 -0.85
CA ARG A 167 8.07 -3.33 0.26
C ARG A 167 9.21 -2.95 1.20
N HIS A 168 8.88 -2.14 2.20
CA HIS A 168 9.82 -1.48 3.10
C HIS A 168 10.53 -0.34 2.38
N LYS A 169 10.76 0.76 3.09
CA LYS A 169 11.09 2.04 2.47
C LYS A 169 12.35 2.71 3.01
N ASP A 170 12.97 2.21 4.07
CA ASP A 170 14.15 2.86 4.67
C ASP A 170 15.29 1.85 4.72
N PRO A 171 16.00 1.63 3.62
CA PRO A 171 15.79 2.25 2.30
C PRO A 171 14.81 1.44 1.44
N PRO A 172 14.36 2.02 0.33
CA PRO A 172 13.62 1.25 -0.65
C PRO A 172 14.56 0.33 -1.41
N PRO A 173 14.05 -0.71 -2.06
CA PRO A 173 14.93 -1.67 -2.73
C PRO A 173 15.81 -1.00 -3.76
N PRO A 174 16.93 -1.62 -4.13
CA PRO A 174 17.85 -0.99 -5.08
C PRO A 174 17.19 -0.77 -6.43
N MET A 175 17.62 0.30 -7.10
CA MET A 175 17.08 0.63 -8.42
C MET A 175 17.20 -0.55 -9.38
N GLU A 176 18.34 -1.24 -9.36
CA GLU A 176 18.54 -2.38 -10.24
C GLU A 176 17.51 -3.48 -9.99
N THR A 177 17.21 -3.72 -8.71
CA THR A 177 16.22 -4.74 -8.38
C THR A 177 14.85 -4.34 -8.91
N ILE A 178 14.47 -3.08 -8.76
CA ILE A 178 13.21 -2.61 -9.31
C ILE A 178 13.18 -2.81 -10.82
N GLN A 179 14.31 -2.51 -11.49
CA GLN A 179 14.39 -2.69 -12.94
C GLN A 179 14.21 -4.16 -13.33
N GLU A 180 14.76 -5.08 -12.52
CA GLU A 180 14.60 -6.50 -12.83
C GLU A 180 13.18 -6.98 -12.55
N ILE A 181 12.54 -6.45 -11.50
CA ILE A 181 11.22 -6.93 -11.11
C ILE A 181 10.12 -6.40 -12.04
N LEU A 182 10.24 -5.18 -12.56
CA LEU A 182 9.11 -4.59 -13.28
C LEU A 182 8.68 -5.40 -14.51
N PRO A 183 9.58 -5.98 -15.32
CA PRO A 183 9.11 -6.82 -16.43
C PRO A 183 8.33 -8.06 -15.98
N ALA A 184 8.72 -8.66 -14.86
CA ALA A 184 7.94 -9.75 -14.30
C ALA A 184 6.55 -9.28 -13.90
N LEU A 185 6.43 -8.09 -13.31
CA LEU A 185 5.11 -7.56 -12.96
C LEU A 185 4.29 -7.26 -14.22
N CYS A 186 4.93 -6.77 -15.28
CA CYS A 186 4.21 -6.64 -16.55
C CYS A 186 3.60 -7.97 -16.96
N VAL A 187 4.39 -9.02 -16.95
CA VAL A 187 3.85 -10.33 -17.33
C VAL A 187 2.69 -10.70 -16.43
N LEU A 188 2.87 -10.58 -15.11
CA LEU A 188 1.91 -11.13 -14.16
C LEU A 188 0.64 -10.31 -14.03
N ILE A 189 0.64 -9.04 -14.42
CA ILE A 189 -0.57 -8.23 -14.30
C ILE A 189 -1.61 -8.62 -15.35
N HIS A 190 -1.20 -9.33 -16.41
CA HIS A 190 -2.16 -9.87 -17.36
C HIS A 190 -2.70 -11.22 -16.92
N HIS A 191 -2.36 -11.69 -15.73
CA HIS A 191 -2.88 -12.94 -15.24
C HIS A 191 -4.35 -12.79 -14.85
N THR A 192 -5.05 -13.93 -14.76
CA THR A 192 -6.44 -13.95 -14.35
C THR A 192 -6.66 -14.50 -12.94
N ASP A 193 -5.73 -15.29 -12.42
CA ASP A 193 -5.80 -15.74 -11.04
C ASP A 193 -5.86 -14.56 -10.07
N VAL A 194 -6.79 -14.60 -9.13
CA VAL A 194 -7.09 -13.42 -8.33
C VAL A 194 -5.97 -13.11 -7.36
N ASN A 195 -5.42 -14.13 -6.69
CA ASN A 195 -4.33 -13.89 -5.73
C ASN A 195 -3.08 -13.35 -6.40
N ILE A 196 -2.75 -13.88 -7.59
CA ILE A 196 -1.63 -13.36 -8.35
C ILE A 196 -1.86 -11.88 -8.68
N LEU A 197 -3.06 -11.53 -9.14
CA LEU A 197 -3.33 -10.13 -9.45
C LEU A 197 -3.22 -9.25 -8.22
N VAL A 198 -3.85 -9.67 -7.13
CA VAL A 198 -3.84 -8.87 -5.91
C VAL A 198 -2.40 -8.61 -5.47
N ASP A 199 -1.58 -9.67 -5.44
CA ASP A 199 -0.20 -9.52 -4.99
C ASP A 199 0.62 -8.68 -5.96
N THR A 200 0.43 -8.89 -7.26
CA THR A 200 1.13 -8.10 -8.27
C THR A 200 0.85 -6.61 -8.08
N VAL A 201 -0.44 -6.27 -7.93
CA VAL A 201 -0.81 -4.87 -7.81
C VAL A 201 -0.32 -4.30 -6.50
N TRP A 202 -0.32 -5.10 -5.43
CA TRP A 202 0.23 -4.61 -4.17
C TRP A 202 1.73 -4.36 -4.27
N ALA A 203 2.46 -5.23 -4.96
CA ALA A 203 3.88 -4.99 -5.18
C ALA A 203 4.09 -3.68 -5.91
N LEU A 204 3.32 -3.46 -6.99
CA LEU A 204 3.38 -2.18 -7.68
C LEU A 204 3.07 -1.00 -6.75
N SER A 205 2.10 -1.17 -5.84
CA SER A 205 1.73 -0.04 -4.98
C SER A 205 2.82 0.26 -3.96
N TYR A 206 3.53 -0.76 -3.50
CA TYR A 206 4.69 -0.51 -2.65
C TYR A 206 5.80 0.19 -3.44
N LEU A 207 5.94 -0.13 -4.73
CA LEU A 207 6.95 0.57 -5.55
C LEU A 207 6.56 2.04 -5.77
N THR A 208 5.28 2.30 -6.07
CA THR A 208 4.87 3.69 -6.35
C THR A 208 4.78 4.54 -5.09
N ASP A 209 4.94 3.95 -3.90
CA ASP A 209 5.02 4.69 -2.65
C ASP A 209 6.46 4.93 -2.23
N ALA A 210 7.42 4.50 -3.03
CA ALA A 210 8.82 4.48 -2.64
C ALA A 210 9.53 5.79 -2.94
N GLY A 211 8.97 6.64 -3.77
CA GLY A 211 9.59 7.89 -4.15
C GLY A 211 9.24 8.25 -5.57
N ASN A 212 9.44 9.52 -5.91
CA ASN A 212 9.06 9.99 -7.25
C ASN A 212 9.90 9.31 -8.34
N GLU A 213 11.14 8.94 -8.03
CA GLU A 213 11.97 8.22 -9.00
C GLU A 213 11.49 6.78 -9.19
N GLN A 214 11.06 6.13 -8.12
CA GLN A 214 10.43 4.82 -8.26
C GLN A 214 9.12 4.91 -9.06
N ILE A 215 8.30 5.93 -8.79
CA ILE A 215 7.12 6.18 -9.62
C ILE A 215 7.54 6.27 -11.08
N GLN A 216 8.58 7.05 -11.37
CA GLN A 216 9.00 7.24 -12.75
C GLN A 216 9.41 5.93 -13.39
N MET A 217 10.10 5.08 -12.63
CA MET A 217 10.44 3.75 -13.13
C MET A 217 9.19 2.93 -13.45
N VAL A 218 8.19 2.98 -12.58
CA VAL A 218 6.94 2.28 -12.86
C VAL A 218 6.34 2.79 -14.16
N ILE A 219 6.30 4.12 -14.32
CA ILE A 219 5.70 4.74 -15.50
C ILE A 219 6.46 4.32 -16.75
N ASP A 220 7.79 4.43 -16.70
CA ASP A 220 8.65 4.14 -17.83
C ASP A 220 8.58 2.68 -18.26
N SER A 221 8.07 1.79 -17.40
CA SER A 221 7.91 0.41 -17.79
C SER A 221 6.70 0.20 -18.70
N GLY A 222 5.81 1.18 -18.79
CA GLY A 222 4.64 1.07 -19.61
C GLY A 222 3.48 0.34 -18.97
N ILE A 223 3.54 0.05 -17.67
CA ILE A 223 2.53 -0.81 -17.06
C ILE A 223 1.27 -0.08 -16.60
N VAL A 224 1.29 1.26 -16.53
CA VAL A 224 0.13 1.98 -15.98
C VAL A 224 -1.13 1.72 -16.79
N PRO A 225 -1.12 1.77 -18.12
CA PRO A 225 -2.36 1.46 -18.86
C PRO A 225 -2.91 0.08 -18.59
N HIS A 226 -2.10 -0.84 -18.08
CA HIS A 226 -2.58 -2.16 -17.69
C HIS A 226 -3.11 -2.18 -16.28
N LEU A 227 -2.69 -1.21 -15.46
CA LEU A 227 -3.07 -1.12 -14.07
C LEU A 227 -4.39 -0.38 -13.88
N VAL A 228 -4.61 0.70 -14.64
CA VAL A 228 -5.80 1.53 -14.43
C VAL A 228 -7.11 0.75 -14.59
N PRO A 229 -7.30 -0.08 -15.62
CA PRO A 229 -8.61 -0.74 -15.79
C PRO A 229 -8.95 -1.71 -14.66
N LEU A 230 -7.99 -2.09 -13.81
CA LEU A 230 -8.30 -2.96 -12.70
C LEU A 230 -9.13 -2.27 -11.62
N LEU A 231 -9.28 -0.95 -11.69
CA LEU A 231 -10.17 -0.27 -10.75
C LEU A 231 -11.63 -0.73 -10.92
N SER A 232 -11.96 -1.39 -12.03
CA SER A 232 -13.29 -1.94 -12.23
C SER A 232 -13.28 -3.47 -12.26
N HIS A 233 -12.24 -4.09 -11.73
CA HIS A 233 -12.24 -5.54 -11.61
C HIS A 233 -13.41 -5.99 -10.75
N GLN A 234 -13.91 -7.19 -11.04
CA GLN A 234 -14.99 -7.75 -10.24
C GLN A 234 -14.59 -7.95 -8.80
N GLU A 235 -13.32 -8.23 -8.55
CA GLU A 235 -12.85 -8.59 -7.21
C GLU A 235 -12.44 -7.32 -6.48
N VAL A 236 -13.10 -7.06 -5.34
CA VAL A 236 -12.90 -5.82 -4.63
C VAL A 236 -11.47 -5.72 -4.09
N LYS A 237 -10.81 -6.86 -3.85
CA LYS A 237 -9.42 -6.82 -3.38
C LYS A 237 -8.48 -6.30 -4.46
N VAL A 238 -8.74 -6.70 -5.72
CA VAL A 238 -8.00 -6.17 -6.85
C VAL A 238 -8.30 -4.68 -7.02
N GLN A 239 -9.58 -4.31 -6.90
CA GLN A 239 -9.97 -2.90 -7.05
C GLN A 239 -9.22 -2.02 -6.07
N THR A 240 -9.22 -2.41 -4.80
CA THR A 240 -8.60 -1.56 -3.78
C THR A 240 -7.09 -1.55 -3.92
N ALA A 241 -6.47 -2.69 -4.26
CA ALA A 241 -5.04 -2.67 -4.54
C ALA A 241 -4.73 -1.71 -5.68
N ALA A 242 -5.51 -1.74 -6.76
CA ALA A 242 -5.23 -0.86 -7.88
C ALA A 242 -5.41 0.60 -7.49
N LEU A 243 -6.42 0.89 -6.68
CA LEU A 243 -6.62 2.24 -6.19
C LEU A 243 -5.42 2.73 -5.40
N ARG A 244 -4.84 1.86 -4.57
CA ARG A 244 -3.63 2.22 -3.84
C ARG A 244 -2.47 2.49 -4.81
N ALA A 245 -2.29 1.60 -5.79
CA ALA A 245 -1.15 1.73 -6.70
C ALA A 245 -1.23 3.04 -7.49
N VAL A 246 -2.37 3.30 -8.14
CA VAL A 246 -2.44 4.53 -8.93
C VAL A 246 -2.51 5.74 -8.00
N GLY A 247 -3.10 5.60 -6.81
CA GLY A 247 -3.16 6.74 -5.89
C GLY A 247 -1.77 7.18 -5.48
N ASN A 248 -0.90 6.21 -5.19
CA ASN A 248 0.49 6.53 -4.89
C ASN A 248 1.14 7.24 -6.07
N ILE A 249 0.84 6.80 -7.30
CA ILE A 249 1.38 7.53 -8.45
C ILE A 249 0.96 8.99 -8.41
N VAL A 250 -0.35 9.23 -8.17
CA VAL A 250 -0.86 10.60 -8.26
C VAL A 250 -0.53 11.42 -7.03
N THR A 251 0.23 10.86 -6.08
CA THR A 251 0.90 11.73 -5.11
C THR A 251 2.14 12.41 -5.68
N GLY A 252 2.60 12.02 -6.86
CA GLY A 252 3.80 12.58 -7.46
C GLY A 252 3.57 13.89 -8.19
N THR A 253 4.37 14.14 -9.23
CA THR A 253 4.30 15.39 -9.96
C THR A 253 3.06 15.43 -10.85
N ASP A 254 2.80 16.61 -11.42
CA ASP A 254 1.68 16.77 -12.35
C ASP A 254 1.84 15.86 -13.56
N GLU A 255 3.05 15.72 -14.09
CA GLU A 255 3.27 14.87 -15.26
C GLU A 255 3.01 13.40 -14.93
N GLN A 256 3.43 12.98 -13.74
CA GLN A 256 3.22 11.62 -13.30
C GLN A 256 1.73 11.35 -13.07
N THR A 257 1.03 12.31 -12.47
CA THR A 257 -0.42 12.22 -12.32
C THR A 257 -1.09 12.14 -13.68
N GLN A 258 -0.58 12.90 -14.65
CA GLN A 258 -1.21 12.98 -15.97
C GLN A 258 -1.10 11.66 -16.70
N VAL A 259 0.00 10.92 -16.53
CA VAL A 259 0.09 9.57 -17.08
C VAL A 259 -1.12 8.73 -16.67
N VAL A 260 -1.53 8.82 -15.41
CA VAL A 260 -2.70 8.09 -14.93
C VAL A 260 -3.97 8.65 -15.56
N LEU A 261 -4.12 9.97 -15.54
CA LEU A 261 -5.33 10.56 -16.11
C LEU A 261 -5.51 10.18 -17.58
N ASN A 262 -4.40 10.02 -18.31
CA ASN A 262 -4.47 9.71 -19.73
C ASN A 262 -5.05 8.33 -20.00
N CYS A 263 -5.13 7.47 -18.98
CA CYS A 263 -5.74 6.16 -19.12
C CYS A 263 -7.23 6.16 -18.80
N ASP A 264 -7.85 7.33 -18.73
CA ASP A 264 -9.27 7.45 -18.43
C ASP A 264 -9.58 6.93 -17.02
N ALA A 265 -8.68 7.18 -16.07
CA ALA A 265 -8.89 6.67 -14.72
C ALA A 265 -10.22 7.17 -14.14
N LEU A 266 -10.54 8.44 -14.38
CA LEU A 266 -11.66 9.06 -13.70
C LEU A 266 -13.00 8.42 -14.06
N SER A 267 -13.11 7.76 -15.20
CA SER A 267 -14.36 7.09 -15.56
C SER A 267 -14.68 5.92 -14.64
N HIS A 268 -13.71 5.43 -13.86
CA HIS A 268 -13.93 4.29 -12.99
C HIS A 268 -14.45 4.69 -11.61
N PHE A 269 -14.56 5.99 -11.32
CA PHE A 269 -14.78 6.45 -9.96
C PHE A 269 -16.24 6.57 -9.54
N PRO A 270 -17.20 6.79 -10.46
CA PRO A 270 -18.61 6.80 -9.99
C PRO A 270 -18.96 5.57 -9.16
N ALA A 271 -18.52 4.39 -9.59
CA ALA A 271 -18.77 3.15 -8.88
C ALA A 271 -17.97 3.02 -7.59
N LEU A 272 -16.95 3.85 -7.39
CA LEU A 272 -16.16 3.83 -6.16
C LEU A 272 -16.67 4.86 -5.16
N LEU A 273 -17.12 6.02 -5.67
CA LEU A 273 -17.72 7.05 -4.83
C LEU A 273 -19.09 6.64 -4.31
N THR A 274 -19.79 5.76 -5.02
CA THR A 274 -21.07 5.23 -4.55
C THR A 274 -20.95 3.84 -3.93
N HIS A 275 -19.75 3.33 -3.77
CA HIS A 275 -19.59 1.99 -3.23
C HIS A 275 -20.22 1.91 -1.83
N PRO A 276 -20.84 0.78 -1.47
CA PRO A 276 -21.36 0.63 -0.10
C PRO A 276 -20.31 0.79 0.98
N LYS A 277 -19.06 0.43 0.71
CA LYS A 277 -18.01 0.43 1.72
C LYS A 277 -17.47 1.84 1.91
N GLU A 278 -17.65 2.37 3.13
CA GLU A 278 -17.15 3.70 3.48
C GLU A 278 -15.66 3.85 3.19
N LYS A 279 -14.88 2.78 3.45
CA LYS A 279 -13.43 2.85 3.27
C LYS A 279 -13.07 3.06 1.81
N ILE A 280 -13.85 2.50 0.90
CA ILE A 280 -13.58 2.71 -0.51
C ILE A 280 -13.97 4.14 -0.92
N ASN A 281 -15.12 4.65 -0.44
CA ASN A 281 -15.48 6.06 -0.67
C ASN A 281 -14.31 6.96 -0.25
N LYS A 282 -13.79 6.72 0.96
CA LYS A 282 -12.74 7.55 1.52
C LYS A 282 -11.49 7.49 0.67
N GLU A 283 -11.08 6.28 0.27
CA GLU A 283 -9.88 6.13 -0.54
C GLU A 283 -10.05 6.78 -1.91
N ALA A 284 -11.26 6.69 -2.49
CA ALA A 284 -11.52 7.29 -3.79
C ALA A 284 -11.43 8.80 -3.71
N VAL A 285 -12.00 9.37 -2.65
CA VAL A 285 -11.93 10.83 -2.50
C VAL A 285 -10.50 11.29 -2.25
N TRP A 286 -9.72 10.52 -1.48
CA TRP A 286 -8.29 10.82 -1.32
C TRP A 286 -7.58 10.91 -2.69
N PHE A 287 -7.81 9.91 -3.54
CA PHE A 287 -7.27 9.96 -4.89
C PHE A 287 -7.67 11.27 -5.59
N LEU A 288 -8.96 11.56 -5.61
CA LEU A 288 -9.45 12.73 -6.34
C LEU A 288 -8.91 14.02 -5.75
N SER A 289 -8.62 14.06 -4.45
CA SER A 289 -8.07 15.25 -3.83
C SER A 289 -6.63 15.46 -4.26
N ASN A 290 -5.91 14.38 -4.55
CA ASN A 290 -4.61 14.52 -5.17
C ASN A 290 -4.71 14.93 -6.62
N ILE A 291 -5.84 14.66 -7.28
CA ILE A 291 -6.03 15.18 -8.65
C ILE A 291 -6.34 16.68 -8.61
N THR A 292 -7.20 17.12 -7.71
CA THR A 292 -7.63 18.52 -7.72
C THR A 292 -6.55 19.45 -7.17
N ALA A 293 -5.50 18.90 -6.55
CA ALA A 293 -4.33 19.68 -6.18
C ALA A 293 -3.42 19.97 -7.36
N GLY A 294 -3.77 19.51 -8.56
CA GLY A 294 -2.96 19.70 -9.74
C GLY A 294 -3.30 20.98 -10.50
N ASN A 295 -2.80 21.04 -11.74
CA ASN A 295 -2.96 22.23 -12.56
C ASN A 295 -4.41 22.39 -13.00
N GLN A 296 -4.67 23.47 -13.74
CA GLN A 296 -6.02 23.79 -14.20
C GLN A 296 -6.61 22.67 -15.02
N GLN A 297 -5.79 22.00 -15.83
CA GLN A 297 -6.29 20.95 -16.71
C GLN A 297 -6.74 19.73 -15.91
N GLN A 298 -6.05 19.43 -14.80
CA GLN A 298 -6.43 18.28 -13.97
C GLN A 298 -7.68 18.58 -13.16
N VAL A 299 -7.82 19.81 -12.65
CA VAL A 299 -9.07 20.22 -12.04
C VAL A 299 -10.22 20.11 -13.04
N GLN A 300 -9.99 20.56 -14.28
CA GLN A 300 -11.02 20.49 -15.30
C GLN A 300 -11.36 19.05 -15.65
N ALA A 301 -10.37 18.15 -15.62
CA ALA A 301 -10.66 16.74 -15.86
C ALA A 301 -11.63 16.20 -14.81
N VAL A 302 -11.41 16.54 -13.54
CA VAL A 302 -12.35 16.10 -12.51
C VAL A 302 -13.72 16.68 -12.78
N ILE A 303 -13.80 17.96 -13.13
CA ILE A 303 -15.10 18.58 -13.41
C ILE A 303 -15.79 17.85 -14.56
N ASP A 304 -15.11 17.77 -15.71
CA ASP A 304 -15.66 17.15 -16.90
C ASP A 304 -16.13 15.73 -16.64
N ALA A 305 -15.46 15.01 -15.76
CA ALA A 305 -15.85 13.63 -15.46
C ALA A 305 -17.08 13.56 -14.57
N ASN A 306 -17.69 14.69 -14.22
CA ASN A 306 -18.97 14.72 -13.51
C ASN A 306 -18.85 14.23 -12.09
N LEU A 307 -17.66 14.38 -11.50
CA LEU A 307 -17.41 13.85 -10.16
C LEU A 307 -17.65 14.87 -9.05
N VAL A 308 -17.72 16.16 -9.38
CA VAL A 308 -17.86 17.18 -8.33
C VAL A 308 -19.15 17.01 -7.53
N PRO A 309 -20.32 16.84 -8.14
CA PRO A 309 -21.52 16.64 -7.30
C PRO A 309 -21.40 15.46 -6.36
N MET A 310 -20.74 14.37 -6.79
CA MET A 310 -20.58 13.19 -5.93
C MET A 310 -19.65 13.50 -4.76
N ILE A 311 -18.58 14.26 -5.03
CA ILE A 311 -17.68 14.71 -3.98
C ILE A 311 -18.43 15.57 -2.96
N ILE A 312 -19.23 16.53 -3.44
CA ILE A 312 -19.95 17.41 -2.54
C ILE A 312 -20.99 16.62 -1.74
N HIS A 313 -21.67 15.66 -2.39
CA HIS A 313 -22.61 14.80 -1.68
C HIS A 313 -21.94 14.05 -0.55
N LEU A 314 -20.73 13.53 -0.77
CA LEU A 314 -20.01 12.85 0.31
C LEU A 314 -19.49 13.83 1.37
N LEU A 315 -19.15 15.05 0.96
CA LEU A 315 -18.78 16.09 1.91
C LEU A 315 -19.93 16.36 2.87
N ASP A 316 -21.16 16.19 2.40
CA ASP A 316 -22.33 16.44 3.24
C ASP A 316 -22.82 15.20 4.00
N LYS A 317 -22.86 14.04 3.34
CA LYS A 317 -23.58 12.87 3.84
C LYS A 317 -22.69 11.65 4.02
N GLY A 318 -21.40 11.74 3.71
CA GLY A 318 -20.51 10.62 3.94
C GLY A 318 -20.11 10.51 5.39
N ASP A 319 -19.56 9.36 5.75
CA ASP A 319 -18.91 9.19 7.04
C ASP A 319 -17.86 10.28 7.24
N PHE A 320 -17.45 10.49 8.48
CA PHE A 320 -16.58 11.62 8.76
C PHE A 320 -15.23 11.48 8.06
N GLY A 321 -14.68 10.26 7.98
CA GLY A 321 -13.42 10.08 7.29
C GLY A 321 -13.49 10.53 5.85
N THR A 322 -14.54 10.10 5.15
CA THR A 322 -14.76 10.53 3.78
C THR A 322 -14.94 12.04 3.71
N GLN A 323 -15.67 12.61 4.68
CA GLN A 323 -15.90 14.06 4.67
C GLN A 323 -14.59 14.82 4.76
N LYS A 324 -13.66 14.35 5.60
CA LYS A 324 -12.35 14.99 5.70
C LYS A 324 -11.64 14.96 4.37
N GLU A 325 -11.64 13.80 3.70
CA GLU A 325 -10.98 13.72 2.41
C GLU A 325 -11.64 14.65 1.39
N ALA A 326 -12.98 14.75 1.43
CA ALA A 326 -13.68 15.64 0.52
C ALA A 326 -13.36 17.10 0.80
N ALA A 327 -13.12 17.44 2.06
CA ALA A 327 -12.69 18.79 2.37
C ALA A 327 -11.35 19.08 1.71
N TRP A 328 -10.41 18.13 1.81
CA TRP A 328 -9.14 18.26 1.10
C TRP A 328 -9.36 18.42 -0.40
N ALA A 329 -10.28 17.65 -0.98
CA ALA A 329 -10.50 17.76 -2.43
C ALA A 329 -10.95 19.17 -2.79
N ILE A 330 -11.91 19.69 -2.03
CA ILE A 330 -12.42 21.03 -2.29
C ILE A 330 -11.29 22.05 -2.17
N SER A 331 -10.61 22.08 -1.03
CA SER A 331 -9.60 23.10 -0.78
C SER A 331 -8.45 23.01 -1.79
N ASN A 332 -7.93 21.80 -2.03
CA ASN A 332 -6.87 21.64 -3.02
C ASN A 332 -7.29 22.18 -4.38
N LEU A 333 -8.58 22.10 -4.73
CA LEU A 333 -8.99 22.64 -6.03
C LEU A 333 -8.66 24.12 -6.14
N THR A 334 -8.62 24.83 -5.02
CA THR A 334 -8.39 26.27 -5.06
C THR A 334 -6.91 26.63 -5.19
N ILE A 335 -6.01 25.64 -5.17
CA ILE A 335 -4.57 25.95 -5.31
C ILE A 335 -4.31 26.56 -6.68
N SER A 336 -4.71 25.85 -7.74
CA SER A 336 -4.48 26.27 -9.10
C SER A 336 -5.77 26.44 -9.90
N GLY A 337 -6.92 26.20 -9.30
CA GLY A 337 -8.16 26.29 -10.06
C GLY A 337 -8.47 27.72 -10.45
N ARG A 338 -9.10 27.86 -11.62
CA ARG A 338 -9.52 29.15 -12.16
C ARG A 338 -10.77 29.65 -11.44
N LYS A 339 -11.02 30.96 -11.59
CA LYS A 339 -12.21 31.57 -11.01
C LYS A 339 -13.49 30.85 -11.46
N ASP A 340 -13.58 30.48 -12.74
CA ASP A 340 -14.78 29.82 -13.24
C ASP A 340 -14.96 28.43 -12.62
N GLN A 341 -13.86 27.72 -12.37
CA GLN A 341 -13.96 26.39 -11.75
C GLN A 341 -14.45 26.49 -10.32
N VAL A 342 -13.94 27.47 -9.57
CA VAL A 342 -14.42 27.73 -8.22
C VAL A 342 -15.89 28.15 -8.23
N ALA A 343 -16.28 28.96 -9.21
CA ALA A 343 -17.69 29.33 -9.37
C ALA A 343 -18.55 28.10 -9.60
N TYR A 344 -18.07 27.15 -10.40
CA TYR A 344 -18.82 25.90 -10.58
C TYR A 344 -19.01 25.19 -9.23
N LEU A 345 -17.97 25.17 -8.39
CA LEU A 345 -18.15 24.59 -7.06
C LEU A 345 -19.25 25.32 -6.29
N ILE A 346 -19.23 26.66 -6.31
CA ILE A 346 -20.24 27.45 -5.60
C ILE A 346 -21.64 27.11 -6.10
N GLN A 347 -21.81 27.02 -7.43
CA GLN A 347 -23.11 26.66 -7.99
C GLN A 347 -23.56 25.28 -7.52
N GLN A 348 -22.61 24.37 -7.29
CA GLN A 348 -22.96 23.03 -6.85
C GLN A 348 -23.21 22.93 -5.34
N ASN A 349 -23.28 24.07 -4.65
CA ASN A 349 -23.70 24.10 -3.25
C ASN A 349 -22.62 23.53 -2.33
N VAL A 350 -21.37 23.89 -2.59
CA VAL A 350 -20.28 23.41 -1.76
C VAL A 350 -20.29 24.09 -0.38
N ILE A 351 -20.78 25.34 -0.32
CA ILE A 351 -20.52 26.18 0.86
C ILE A 351 -21.07 25.59 2.15
N PRO A 352 -22.35 25.22 2.24
CA PRO A 352 -22.90 24.79 3.55
C PRO A 352 -22.21 23.56 4.11
N PRO A 353 -22.08 22.48 3.33
CA PRO A 353 -21.38 21.32 3.89
C PRO A 353 -19.90 21.57 4.12
N PHE A 354 -19.26 22.41 3.29
CA PHE A 354 -17.88 22.83 3.57
C PHE A 354 -17.79 23.49 4.93
N CYS A 355 -18.65 24.48 5.19
CA CYS A 355 -18.60 25.22 6.44
C CYS A 355 -18.96 24.34 7.64
N ASN A 356 -19.79 23.31 7.45
CA ASN A 356 -20.16 22.47 8.58
C ASN A 356 -18.94 21.85 9.25
N LEU A 357 -17.81 21.79 8.56
CA LEU A 357 -16.63 21.17 9.14
C LEU A 357 -15.79 22.12 9.98
N LEU A 358 -16.14 23.41 10.02
CA LEU A 358 -15.35 24.37 10.78
C LEU A 358 -15.32 24.09 12.28
N THR A 359 -16.23 23.25 12.81
CA THR A 359 -16.38 23.07 14.24
C THR A 359 -15.79 21.78 14.79
N VAL A 360 -15.22 20.91 13.95
CA VAL A 360 -14.77 19.60 14.40
C VAL A 360 -13.48 19.74 15.23
N LYS A 361 -13.12 18.67 15.94
CA LYS A 361 -11.94 18.69 16.80
C LYS A 361 -10.64 18.43 16.07
N ASP A 362 -10.70 17.99 14.82
CA ASP A 362 -9.50 17.80 14.02
C ASP A 362 -9.07 19.17 13.51
N ALA A 363 -8.02 19.72 14.11
CA ALA A 363 -7.58 21.06 13.76
C ALA A 363 -7.08 21.12 12.33
N GLN A 364 -6.51 20.02 11.84
CA GLN A 364 -6.06 19.96 10.45
C GLN A 364 -7.19 20.24 9.47
N VAL A 365 -8.33 19.56 9.66
CA VAL A 365 -9.49 19.75 8.78
C VAL A 365 -9.98 21.19 8.82
N VAL A 366 -10.00 21.78 10.03
CA VAL A 366 -10.46 23.15 10.18
C VAL A 366 -9.55 24.09 9.39
N GLN A 367 -8.23 23.89 9.53
CA GLN A 367 -7.28 24.68 8.76
C GLN A 367 -7.52 24.53 7.26
N VAL A 368 -7.71 23.28 6.80
CA VAL A 368 -7.93 23.02 5.38
C VAL A 368 -9.13 23.82 4.88
N VAL A 369 -10.24 23.76 5.63
CA VAL A 369 -11.47 24.42 5.18
C VAL A 369 -11.31 25.93 5.23
N LEU A 370 -10.66 26.46 6.28
CA LEU A 370 -10.37 27.90 6.32
C LEU A 370 -9.51 28.32 5.14
N ASP A 371 -8.45 27.56 4.84
CA ASP A 371 -7.62 27.89 3.67
C ASP A 371 -8.45 27.92 2.40
N GLY A 372 -9.36 26.94 2.24
CA GLY A 372 -10.19 26.91 1.06
C GLY A 372 -11.12 28.10 0.98
N LEU A 373 -11.77 28.45 2.10
CA LEU A 373 -12.66 29.60 2.12
C LEU A 373 -11.89 30.90 1.84
N SER A 374 -10.68 31.01 2.38
CA SER A 374 -9.86 32.19 2.11
C SER A 374 -9.51 32.30 0.63
N ASN A 375 -9.03 31.21 0.03
CA ASN A 375 -8.71 31.25 -1.40
C ASN A 375 -9.95 31.55 -2.23
N ILE A 376 -11.09 30.97 -1.87
CA ILE A 376 -12.33 31.21 -2.61
C ILE A 376 -12.70 32.70 -2.57
N LEU A 377 -12.68 33.30 -1.37
CA LEU A 377 -13.06 34.70 -1.24
C LEU A 377 -12.08 35.62 -1.96
N LYS A 378 -10.79 35.34 -1.84
CA LYS A 378 -9.78 36.14 -2.55
C LYS A 378 -9.94 36.02 -4.05
N MET A 379 -10.47 34.89 -4.53
CA MET A 379 -10.58 34.67 -5.97
C MET A 379 -11.83 35.33 -6.56
N ALA A 380 -12.92 35.39 -5.81
CA ALA A 380 -14.20 35.90 -6.30
C ALA A 380 -14.24 37.41 -6.15
N GLU A 381 -13.49 38.06 -7.04
CA GLU A 381 -13.33 39.52 -7.02
C GLU A 381 -14.67 40.21 -6.73
N ASP A 382 -15.58 40.18 -7.70
CA ASP A 382 -16.84 40.90 -7.55
C ASP A 382 -17.85 40.11 -6.73
N GLU A 383 -17.82 38.79 -6.83
CA GLU A 383 -18.81 37.96 -6.17
C GLU A 383 -18.54 37.74 -4.70
N ALA A 384 -17.43 38.28 -4.17
CA ALA A 384 -17.06 38.05 -2.78
C ALA A 384 -18.20 38.38 -1.82
N GLU A 385 -19.02 39.38 -2.15
CA GLU A 385 -20.15 39.72 -1.30
C GLU A 385 -21.21 38.62 -1.34
N THR A 386 -21.50 38.11 -2.54
CA THR A 386 -22.43 36.99 -2.67
C THR A 386 -21.95 35.80 -1.84
N ILE A 387 -20.69 35.41 -2.03
CA ILE A 387 -20.16 34.24 -1.34
C ILE A 387 -20.14 34.47 0.18
N GLY A 388 -19.81 35.69 0.60
CA GLY A 388 -19.83 36.00 2.02
C GLY A 388 -21.22 35.86 2.59
N ASN A 389 -22.23 36.29 1.84
CA ASN A 389 -23.61 36.14 2.31
C ASN A 389 -24.00 34.67 2.38
N LEU A 390 -23.49 33.86 1.45
CA LEU A 390 -23.72 32.42 1.54
C LEU A 390 -23.09 31.84 2.80
N ILE A 391 -21.88 32.29 3.12
CA ILE A 391 -21.20 31.82 4.33
C ILE A 391 -21.98 32.23 5.57
N GLU A 392 -22.51 33.46 5.56
CA GLU A 392 -23.30 33.94 6.69
C GLU A 392 -24.57 33.13 6.84
N GLU A 393 -25.27 32.88 5.73
CA GLU A 393 -26.55 32.18 5.76
C GLU A 393 -26.45 30.86 6.52
N CYS A 394 -25.46 30.04 6.17
CA CYS A 394 -25.36 28.68 6.72
C CYS A 394 -24.73 28.64 8.10
N GLY A 395 -24.48 29.80 8.72
CA GLY A 395 -23.85 29.82 10.03
C GLY A 395 -22.35 29.76 10.01
N GLY A 396 -21.74 29.80 8.82
CA GLY A 396 -20.29 29.71 8.73
C GLY A 396 -19.60 30.90 9.35
N LEU A 397 -20.16 32.09 9.18
CA LEU A 397 -19.54 33.30 9.73
C LEU A 397 -19.41 33.21 11.26
N GLU A 398 -20.46 32.75 11.94
CA GLU A 398 -20.37 32.60 13.39
C GLU A 398 -19.30 31.59 13.76
N LYS A 399 -19.14 30.54 12.95
CA LYS A 399 -18.13 29.52 13.25
C LYS A 399 -16.74 30.09 13.06
N ILE A 400 -16.56 30.98 12.09
CA ILE A 400 -15.29 31.68 11.94
C ILE A 400 -15.04 32.58 13.15
N GLU A 401 -16.05 33.34 13.54
CA GLU A 401 -15.94 34.20 14.71
C GLU A 401 -15.52 33.40 15.93
N GLN A 402 -16.08 32.20 16.09
CA GLN A 402 -15.72 31.39 17.23
C GLN A 402 -14.29 30.87 17.12
N LEU A 403 -13.90 30.46 15.91
CA LEU A 403 -12.53 30.00 15.69
C LEU A 403 -11.53 31.08 16.02
N GLN A 404 -11.96 32.34 16.06
CA GLN A 404 -11.07 33.38 16.58
C GLN A 404 -10.53 33.05 17.97
N ASN A 405 -11.19 32.15 18.70
CA ASN A 405 -10.78 31.74 20.04
C ASN A 405 -10.08 30.38 20.05
N HIS A 406 -9.85 29.78 18.89
CA HIS A 406 -9.27 28.45 18.84
C HIS A 406 -7.89 28.43 19.47
N GLU A 407 -7.48 27.24 19.91
CA GLU A 407 -6.18 27.06 20.54
C GLU A 407 -5.04 27.30 19.55
N ASN A 408 -5.27 27.03 18.27
CA ASN A 408 -4.21 26.92 17.29
C ASN A 408 -4.00 28.27 16.63
N GLU A 409 -2.76 28.75 16.68
CA GLU A 409 -2.46 30.09 16.17
C GLU A 409 -2.82 30.20 14.70
N ASP A 410 -2.40 29.24 13.89
CA ASP A 410 -2.68 29.33 12.45
C ASP A 410 -4.19 29.47 12.21
N ILE A 411 -5.00 28.76 12.98
CA ILE A 411 -6.44 28.80 12.77
C ILE A 411 -7.01 30.16 13.18
N TYR A 412 -6.73 30.62 14.39
CA TYR A 412 -7.39 31.84 14.85
C TYR A 412 -6.84 33.07 14.14
N LYS A 413 -5.53 33.06 13.79
CA LYS A 413 -4.98 34.04 12.86
C LYS A 413 -5.82 34.13 11.60
N LEU A 414 -6.01 33.00 10.92
CA LEU A 414 -6.71 33.04 9.65
C LEU A 414 -8.16 33.47 9.83
N ALA A 415 -8.77 33.14 10.96
CA ALA A 415 -10.16 33.54 11.19
C ALA A 415 -10.27 35.05 11.35
N TYR A 416 -9.41 35.63 12.20
CA TYR A 416 -9.33 37.10 12.29
C TYR A 416 -9.15 37.71 10.92
N GLU A 417 -8.21 37.17 10.14
CA GLU A 417 -7.86 37.79 8.86
C GLU A 417 -9.02 37.72 7.88
N ILE A 418 -9.71 36.57 7.81
CA ILE A 418 -10.86 36.46 6.91
C ILE A 418 -11.94 37.45 7.31
N ILE A 419 -12.21 37.55 8.61
CA ILE A 419 -13.26 38.47 9.04
C ILE A 419 -12.88 39.90 8.72
N ASP A 420 -11.63 40.29 8.99
CA ASP A 420 -11.21 41.66 8.71
C ASP A 420 -11.23 41.97 7.21
N GLN A 421 -10.87 40.99 6.39
CA GLN A 421 -10.73 41.24 4.96
C GLN A 421 -12.05 41.15 4.21
N PHE A 422 -13.05 40.44 4.73
CA PHE A 422 -14.24 40.15 3.96
C PHE A 422 -15.56 40.35 4.69
N PHE A 423 -15.54 40.57 6.02
CA PHE A 423 -16.79 40.69 6.78
C PHE A 423 -16.79 41.95 7.64
N SER A 424 -16.03 42.97 7.23
CA SER A 424 -15.87 44.21 8.01
C SER A 424 -16.09 45.42 7.10
N SER A 425 -17.28 45.51 6.53
CA SER A 425 -17.63 46.63 5.65
C SER A 425 -18.71 47.51 6.28
N CYS B 12 -0.90 22.45 5.51
CA CYS B 12 -0.67 23.02 4.19
C CYS B 12 -1.42 22.28 3.08
N LEU B 13 -2.09 23.01 2.19
CA LEU B 13 -2.82 22.40 1.09
C LEU B 13 -1.86 21.74 0.10
N GLY B 14 -2.34 20.70 -0.56
CA GLY B 14 -1.57 20.03 -1.58
C GLY B 14 -1.76 18.52 -1.56
N ARG B 15 -0.88 17.83 -2.28
CA ARG B 15 -0.95 16.38 -2.37
C ARG B 15 -0.51 15.74 -1.05
N ARG B 16 -1.10 14.59 -0.77
CA ARG B 16 -0.89 13.88 0.48
C ARG B 16 -0.62 12.42 0.19
N VAL B 17 0.29 11.82 0.96
CA VAL B 17 0.59 10.39 0.87
C VAL B 17 -0.57 9.59 1.45
N VAL B 18 -0.57 8.27 1.21
CA VAL B 18 -1.64 7.43 1.70
C VAL B 18 -1.77 7.58 3.21
N GLN B 19 -3.00 7.67 3.68
CA GLN B 19 -3.29 8.04 5.05
C GLN B 19 -3.41 6.81 5.95
N PRO B 20 -3.16 6.98 7.24
CA PRO B 20 -3.36 5.86 8.17
C PRO B 20 -4.81 5.39 8.12
N GLY B 21 -4.98 4.08 8.27
CA GLY B 21 -6.31 3.51 8.21
C GLY B 21 -6.76 3.13 6.83
N MET B 22 -5.99 3.44 5.80
CA MET B 22 -6.35 3.12 4.43
C MET B 22 -5.68 1.80 4.01
N PHE B 23 -6.40 1.04 3.19
CA PHE B 23 -5.85 -0.15 2.55
C PHE B 23 -5.20 -1.09 3.57
N GLU B 24 -5.93 -1.39 4.64
CA GLU B 24 -5.37 -2.19 5.73
C GLU B 24 -5.36 -3.69 5.45
N ASP B 25 -6.04 -4.14 4.39
CA ASP B 25 -6.04 -5.55 4.00
C ASP B 25 -4.84 -5.88 3.13
N HIS B 26 -3.62 -5.63 3.67
CA HIS B 26 -2.41 -5.84 2.88
C HIS B 26 -1.94 -7.29 2.97
N PRO B 27 -1.15 -7.75 2.00
CA PRO B 27 -0.62 -9.11 2.07
C PRO B 27 0.27 -9.28 3.27
N PRO B 28 0.29 -10.47 3.87
CA PRO B 28 1.13 -10.69 5.05
C PRO B 28 2.60 -10.63 4.69
N THR B 29 3.40 -10.15 5.64
CA THR B 29 4.84 -10.18 5.45
C THR B 29 5.40 -11.58 5.70
N LYS B 30 4.66 -12.44 6.39
CA LYS B 30 5.12 -13.77 6.73
C LYS B 30 3.95 -14.74 6.72
N LYS B 31 4.24 -15.99 6.34
CA LYS B 31 3.25 -17.08 6.33
C LYS B 31 3.91 -18.36 6.82
N ALA B 32 3.23 -19.07 7.71
CA ALA B 32 3.62 -20.42 8.06
C ALA B 32 2.94 -21.41 7.12
N ARG B 33 3.62 -22.53 6.85
CA ARG B 33 3.02 -23.62 6.09
C ARG B 33 2.40 -24.59 7.08
N VAL B 34 1.07 -24.61 7.13
CA VAL B 34 0.32 -25.46 8.06
C VAL B 34 -0.35 -26.57 7.27
N SER B 35 -0.38 -27.76 7.85
CA SER B 35 -1.08 -28.90 7.26
C SER B 35 -2.23 -29.34 8.16
#